data_6ACL
#
_entry.id   6ACL
#
_cell.length_a   55.937
_cell.length_b   42.807
_cell.length_c   61.591
_cell.angle_alpha   90.00
_cell.angle_beta   109.25
_cell.angle_gamma   90.00
#
_symmetry.space_group_name_H-M   'P 1 21 1'
#
loop_
_entity.id
_entity.type
_entity.pdbx_description
1 polymer 'NAD-dependent protein deacylase sirtuin-5, mitochondrial'
2 polymer 'succinyl peptide H2AK95'
3 non-polymer 'ZINC ION'
4 water water
#
loop_
_entity_poly.entity_id
_entity_poly.type
_entity_poly.pdbx_seq_one_letter_code
_entity_poly.pdbx_strand_id
1 'polypeptide(L)'
;PSSSMADFRKFFAKAKHIVIISGAGVSAESGVPTFRGAGGYWRKWQAQDLATPLAFAHNPSRVWEFYHYRREVMGSKEPN
AGHRAIAECETRLGKQGRRVVVITQNIDELHRKAGTKNLLEIHGSLFKTRCTSCGVVAENYKSPICPALSGKGAPEPGTQ
DASIPVEKLPRCEEAGCGGLLRPHVVWFGENLDPAILEEVDRELAHCDLCLVVGTSSVVYPAAMFAPQVAARGVPVAEFN
TETTPATNRFRFHFQGPCGTTLPEALA
;
A
2 'polypeptide(L)' ELN(SLL)LLGRVT B
#
loop_
_chem_comp.id
_chem_comp.type
_chem_comp.name
_chem_comp.formula
ZN non-polymer 'ZINC ION' 'Zn 2'
#
# COMPACT_ATOMS: atom_id res chain seq x y z
N PRO A 1 -10.40 -22.88 -5.88
CA PRO A 1 -11.33 -21.78 -6.18
C PRO A 1 -11.80 -21.74 -7.65
N SER A 2 -13.00 -21.23 -7.88
CA SER A 2 -13.54 -21.03 -9.24
C SER A 2 -12.88 -19.83 -10.03
N SER A 3 -12.82 -19.96 -11.35
CA SER A 3 -12.45 -18.86 -12.24
C SER A 3 -13.63 -18.46 -13.13
N SER A 4 -14.87 -18.72 -12.69
CA SER A 4 -16.10 -18.32 -13.41
C SER A 4 -16.36 -16.85 -13.20
N MET A 5 -16.04 -16.06 -14.21
CA MET A 5 -16.35 -14.66 -14.18
C MET A 5 -17.87 -14.46 -14.14
N ALA A 6 -18.62 -15.32 -14.82
CA ALA A 6 -20.07 -15.18 -14.81
C ALA A 6 -20.59 -15.32 -13.37
N ASP A 7 -20.12 -16.31 -12.60
CA ASP A 7 -20.56 -16.49 -11.22
C ASP A 7 -20.15 -15.27 -10.32
N PHE A 8 -18.96 -14.78 -10.55
CA PHE A 8 -18.48 -13.61 -9.77
C PHE A 8 -19.38 -12.42 -10.10
N ARG A 9 -19.72 -12.25 -11.38
CA ARG A 9 -20.49 -11.09 -11.78
C ARG A 9 -21.90 -11.11 -11.20
N LYS A 10 -22.46 -12.31 -11.03
CA LYS A 10 -23.75 -12.43 -10.31
C LYS A 10 -23.72 -11.86 -8.87
N PHE A 11 -22.66 -12.13 -8.15
CA PHE A 11 -22.52 -11.64 -6.77
C PHE A 11 -22.30 -10.12 -6.81
N PHE A 12 -21.48 -9.72 -7.77
CA PHE A 12 -21.13 -8.33 -7.98
C PHE A 12 -22.37 -7.45 -8.26
N ALA A 13 -23.29 -7.95 -9.10
CA ALA A 13 -24.51 -7.21 -9.39
C ALA A 13 -25.35 -6.86 -8.14
N LYS A 14 -25.36 -7.74 -7.13
CA LYS A 14 -26.16 -7.58 -5.92
C LYS A 14 -25.44 -7.02 -4.66
N ALA A 15 -24.11 -6.99 -4.65
CA ALA A 15 -23.42 -6.67 -3.47
C ALA A 15 -23.60 -5.16 -3.13
N LYS A 16 -23.90 -4.89 -1.88
CA LYS A 16 -24.14 -3.55 -1.35
C LYS A 16 -22.94 -2.94 -0.62
N HIS A 17 -22.00 -3.77 -0.19
CA HIS A 17 -20.87 -3.27 0.57
C HIS A 17 -19.63 -4.07 0.21
N ILE A 18 -18.83 -3.56 -0.71
CA ILE A 18 -17.71 -4.27 -1.32
C ILE A 18 -16.42 -3.74 -0.70
N VAL A 19 -15.59 -4.65 -0.22
CA VAL A 19 -14.21 -4.27 0.25
C VAL A 19 -13.17 -4.81 -0.76
N ILE A 20 -12.31 -3.91 -1.22
CA ILE A 20 -11.24 -4.25 -2.17
C ILE A 20 -9.94 -4.06 -1.41
N ILE A 21 -9.18 -5.15 -1.28
CA ILE A 21 -7.87 -5.07 -0.59
C ILE A 21 -6.78 -5.14 -1.65
N SER A 22 -5.92 -4.14 -1.70
CA SER A 22 -4.85 -4.06 -2.71
C SER A 22 -3.45 -4.14 -2.13
N GLY A 23 -2.57 -4.78 -2.87
CA GLY A 23 -1.19 -4.91 -2.50
C GLY A 23 -0.31 -4.40 -3.63
N ALA A 24 0.97 -4.65 -3.52
CA ALA A 24 1.96 -4.06 -4.44
C ALA A 24 1.81 -4.48 -5.89
N GLY A 25 1.17 -5.64 -6.12
CA GLY A 25 0.92 -6.12 -7.44
C GLY A 25 0.27 -5.05 -8.28
N VAL A 26 -0.65 -4.26 -7.70
CA VAL A 26 -1.32 -3.26 -8.50
C VAL A 26 -0.36 -2.12 -8.86
N SER A 27 0.60 -1.79 -8.02
CA SER A 27 1.54 -0.70 -8.26
C SER A 27 2.58 -1.11 -9.30
N ALA A 28 3.05 -2.36 -9.22
CA ALA A 28 4.05 -2.90 -10.18
C ALA A 28 3.57 -2.79 -11.65
N GLU A 29 2.27 -2.96 -11.87
CA GLU A 29 1.72 -2.73 -13.22
C GLU A 29 1.81 -1.30 -13.78
N SER A 30 1.97 -0.30 -12.89
CA SER A 30 2.30 1.09 -13.28
C SER A 30 3.82 1.33 -13.26
N GLY A 31 4.61 0.29 -13.01
CA GLY A 31 6.09 0.38 -13.02
C GLY A 31 6.66 0.92 -11.72
N VAL A 32 5.91 0.87 -10.62
CA VAL A 32 6.40 1.37 -9.34
C VAL A 32 7.25 0.24 -8.77
N PRO A 33 8.54 0.50 -8.51
CA PRO A 33 9.34 -0.56 -7.85
C PRO A 33 8.90 -0.86 -6.39
N THR A 34 8.94 -2.10 -5.98
CA THR A 34 8.51 -2.44 -4.63
C THR A 34 9.59 -2.79 -3.61
N PHE A 35 10.76 -3.21 -4.09
CA PHE A 35 11.90 -3.61 -3.23
C PHE A 35 11.67 -4.80 -2.27
N ARG A 36 10.87 -5.74 -2.72
CA ARG A 36 10.51 -6.93 -1.92
C ARG A 36 10.77 -8.30 -2.57
N GLY A 37 10.62 -8.45 -3.89
CA GLY A 37 10.82 -9.85 -4.42
C GLY A 37 12.18 -10.54 -4.07
N ALA A 38 12.34 -11.84 -4.33
CA ALA A 38 13.72 -12.33 -4.60
C ALA A 38 14.29 -11.38 -5.68
N GLY A 39 15.50 -10.88 -5.52
CA GLY A 39 16.11 -10.02 -6.53
C GLY A 39 15.82 -8.51 -6.50
N GLY A 40 14.85 -8.05 -5.69
CA GLY A 40 14.40 -6.64 -5.71
C GLY A 40 15.08 -5.75 -4.68
N TYR A 41 16.15 -5.08 -5.12
CA TYR A 41 17.02 -4.33 -4.21
C TYR A 41 17.12 -2.89 -4.57
N TRP A 42 17.33 -2.05 -3.55
CA TRP A 42 17.83 -0.70 -3.72
C TRP A 42 19.24 -0.76 -3.10
N ARG A 43 20.26 -0.53 -3.95
CA ARG A 43 21.67 -0.70 -3.55
C ARG A 43 21.80 -2.15 -3.07
N LYS A 44 22.24 -2.37 -1.86
CA LYS A 44 22.34 -3.74 -1.28
C LYS A 44 21.24 -4.13 -0.29
N TRP A 45 20.11 -3.45 -0.32
CA TRP A 45 19.07 -3.69 0.68
C TRP A 45 17.76 -3.93 0.02
N GLN A 46 16.86 -4.55 0.79
CA GLN A 46 15.47 -4.63 0.40
C GLN A 46 14.59 -3.81 1.31
N ALA A 47 13.30 -3.65 0.98
CA ALA A 47 12.37 -2.89 1.82
C ALA A 47 12.30 -3.32 3.26
N GLN A 48 12.28 -4.60 3.51
CA GLN A 48 12.26 -5.06 4.90
C GLN A 48 13.48 -4.73 5.71
N ASP A 49 14.56 -4.42 5.05
CA ASP A 49 15.76 -4.03 5.67
C ASP A 49 15.73 -2.56 5.99
N LEU A 50 15.13 -1.74 5.15
CA LEU A 50 15.19 -0.28 5.38
C LEU A 50 13.95 0.27 6.07
N ALA A 51 12.81 -0.37 5.85
CA ALA A 51 11.59 0.03 6.45
C ALA A 51 11.47 -0.56 7.86
N THR A 52 12.30 -0.08 8.80
CA THR A 52 12.42 -0.62 10.12
C THR A 52 12.88 0.49 11.06
N PRO A 53 12.40 0.44 12.30
CA PRO A 53 12.84 1.48 13.26
C PRO A 53 14.35 1.31 13.51
N LEU A 54 14.85 0.08 13.46
CA LEU A 54 16.32 -0.15 13.57
C LEU A 54 17.12 0.65 12.49
N ALA A 55 16.69 0.54 11.23
CA ALA A 55 17.48 1.24 10.15
C ALA A 55 17.44 2.76 10.36
N PHE A 56 16.28 3.29 10.74
CA PHE A 56 16.11 4.72 10.95
C PHE A 56 16.90 5.21 12.16
N ALA A 57 16.97 4.41 13.21
CA ALA A 57 17.75 4.78 14.42
C ALA A 57 19.21 4.84 14.11
N HIS A 58 19.70 3.91 13.35
CA HIS A 58 21.13 3.84 13.11
C HIS A 58 21.61 4.62 11.90
N ASN A 59 20.81 4.67 10.85
CA ASN A 59 21.20 5.40 9.62
C ASN A 59 20.04 6.17 9.05
N PRO A 60 19.60 7.25 9.73
CA PRO A 60 18.38 7.91 9.24
C PRO A 60 18.64 8.55 7.86
N SER A 61 19.89 8.96 7.58
CA SER A 61 20.24 9.47 6.22
C SER A 61 19.94 8.45 5.16
N ARG A 62 20.37 7.23 5.40
CA ARG A 62 20.15 6.23 4.36
C ARG A 62 18.68 5.98 4.15
N VAL A 63 17.90 5.89 5.25
CA VAL A 63 16.49 5.59 5.12
C VAL A 63 15.80 6.73 4.36
N TRP A 64 16.13 7.97 4.70
CA TRP A 64 15.69 9.15 3.89
C TRP A 64 16.10 9.12 2.41
N GLU A 65 17.32 8.67 2.09
CA GLU A 65 17.71 8.54 0.67
C GLU A 65 16.77 7.59 -0.06
N PHE A 66 16.46 6.50 0.59
CA PHE A 66 15.58 5.48 0.03
C PHE A 66 14.14 6.00 -0.17
N TYR A 67 13.57 6.71 0.82
CA TYR A 67 12.22 7.21 0.63
C TYR A 67 12.21 8.42 -0.32
N HIS A 68 13.26 9.23 -0.30
CA HIS A 68 13.46 10.32 -1.30
C HIS A 68 13.42 9.75 -2.72
N TYR A 69 14.20 8.72 -2.95
CA TYR A 69 14.19 8.05 -4.25
C TYR A 69 12.78 7.67 -4.70
N ARG A 70 12.08 6.98 -3.82
CA ARG A 70 10.75 6.52 -4.07
C ARG A 70 9.71 7.62 -4.31
N ARG A 71 9.83 8.74 -3.60
CA ARG A 71 8.98 9.86 -3.80
C ARG A 71 9.23 10.47 -5.24
N GLU A 72 10.49 10.66 -5.55
CA GLU A 72 10.88 11.29 -6.82
C GLU A 72 10.53 10.44 -8.02
N VAL A 73 10.72 9.16 -7.88
CA VAL A 73 10.26 8.19 -8.93
C VAL A 73 8.76 8.30 -9.28
N MET A 74 7.94 8.60 -8.28
CA MET A 74 6.51 8.72 -8.47
C MET A 74 6.11 9.85 -9.33
N GLY A 75 6.95 10.89 -9.36
CA GLY A 75 6.78 11.99 -10.28
C GLY A 75 6.20 11.57 -11.61
N SER A 76 6.83 10.59 -12.24
CA SER A 76 6.52 10.16 -13.60
C SER A 76 5.73 8.84 -13.73
N LYS A 77 4.95 8.49 -12.69
CA LYS A 77 4.16 7.24 -12.73
C LYS A 77 2.71 7.61 -12.79
N GLU A 78 1.91 6.75 -13.40
CA GLU A 78 0.47 6.99 -13.52
C GLU A 78 -0.31 5.80 -13.04
N PRO A 79 -1.55 6.02 -12.58
CA PRO A 79 -2.41 4.86 -12.23
C PRO A 79 -2.68 4.04 -13.53
N ASN A 80 -2.86 2.77 -13.39
CA ASN A 80 -3.07 1.85 -14.55
C ASN A 80 -4.52 1.46 -14.64
N ALA A 81 -4.82 0.60 -15.60
CA ALA A 81 -6.21 0.28 -15.91
C ALA A 81 -6.91 -0.36 -14.68
N GLY A 82 -6.16 -1.05 -13.83
CA GLY A 82 -6.72 -1.60 -12.62
C GLY A 82 -7.08 -0.53 -11.56
N HIS A 83 -6.20 0.43 -11.34
CA HIS A 83 -6.57 1.56 -10.48
C HIS A 83 -7.84 2.25 -10.97
N ARG A 84 -7.90 2.46 -12.28
CA ARG A 84 -9.05 3.14 -12.86
C ARG A 84 -10.33 2.36 -12.71
N ALA A 85 -10.32 1.05 -12.95
CA ALA A 85 -11.56 0.30 -12.83
C ALA A 85 -12.09 0.31 -11.40
N ILE A 86 -11.17 0.35 -10.43
CA ILE A 86 -11.52 0.37 -9.03
C ILE A 86 -12.14 1.70 -8.67
N ALA A 87 -11.60 2.78 -9.22
CA ALA A 87 -12.08 4.13 -8.89
C ALA A 87 -13.48 4.36 -9.56
N GLU A 88 -13.57 3.96 -10.82
CA GLU A 88 -14.84 4.07 -11.57
C GLU A 88 -15.96 3.28 -10.96
N CYS A 89 -15.65 2.07 -10.52
CA CYS A 89 -16.63 1.22 -9.81
C CYS A 89 -17.11 1.91 -8.52
N GLU A 90 -16.17 2.38 -7.69
CA GLU A 90 -16.56 3.19 -6.52
C GLU A 90 -17.56 4.33 -6.83
N THR A 91 -17.22 5.13 -7.84
CA THR A 91 -18.07 6.27 -8.24
C THR A 91 -19.45 5.84 -8.70
N ARG A 92 -19.43 4.90 -9.62
CA ARG A 92 -20.69 4.38 -10.15
C ARG A 92 -21.63 3.74 -9.11
N LEU A 93 -21.10 2.87 -8.24
CA LEU A 93 -21.91 2.22 -7.22
C LEU A 93 -22.42 3.19 -6.17
N GLY A 94 -21.64 4.20 -5.85
CA GLY A 94 -22.03 5.19 -4.83
C GLY A 94 -23.27 5.97 -5.25
N LYS A 95 -23.38 6.28 -6.54
CA LYS A 95 -24.65 6.81 -7.09
C LYS A 95 -25.85 5.88 -6.95
N GLN A 96 -25.62 4.59 -6.76
CA GLN A 96 -26.69 3.60 -6.52
C GLN A 96 -26.88 3.31 -5.05
N GLY A 97 -26.28 4.12 -4.18
CA GLY A 97 -26.34 3.87 -2.75
C GLY A 97 -25.67 2.59 -2.36
N ARG A 98 -24.59 2.19 -3.07
CA ARG A 98 -23.84 1.00 -2.71
C ARG A 98 -22.39 1.42 -2.37
N ARG A 99 -21.80 0.74 -1.40
CA ARG A 99 -20.54 1.21 -0.80
C ARG A 99 -19.34 0.36 -1.25
N VAL A 100 -18.29 1.05 -1.68
CA VAL A 100 -17.06 0.37 -2.09
C VAL A 100 -15.93 0.98 -1.25
N VAL A 101 -15.19 0.15 -0.55
CA VAL A 101 -14.03 0.63 0.26
C VAL A 101 -12.76 -0.01 -0.24
N VAL A 102 -11.66 0.77 -0.38
CA VAL A 102 -10.35 0.21 -0.81
C VAL A 102 -9.45 0.25 0.42
N ILE A 103 -8.97 -0.92 0.84
CA ILE A 103 -7.98 -1.03 1.87
C ILE A 103 -6.69 -1.33 1.15
N THR A 104 -5.73 -0.42 1.19
CA THR A 104 -4.49 -0.62 0.43
C THR A 104 -3.27 -0.75 1.35
N GLN A 105 -2.44 -1.74 1.03
CA GLN A 105 -1.10 -1.87 1.60
C GLN A 105 -0.08 -0.93 0.95
N ASN A 106 -0.45 -0.31 -0.19
CA ASN A 106 0.46 0.53 -0.95
C ASN A 106 0.57 1.92 -0.34
N ILE A 107 1.74 2.49 -0.44
CA ILE A 107 2.01 3.81 0.13
C ILE A 107 2.22 4.88 -1.00
N ASP A 108 1.95 4.48 -2.23
CA ASP A 108 2.32 5.35 -3.39
C ASP A 108 1.23 6.36 -3.88
N GLU A 109 0.06 6.34 -3.27
CA GLU A 109 -1.09 7.18 -3.58
C GLU A 109 -1.70 7.05 -4.99
N LEU A 110 -1.27 6.06 -5.77
CA LEU A 110 -1.88 5.87 -7.06
C LEU A 110 -3.43 5.65 -7.03
N HIS A 111 -3.96 4.99 -6.03
CA HIS A 111 -5.42 4.93 -5.97
C HIS A 111 -6.04 6.31 -5.83
N ARG A 112 -5.44 7.15 -5.00
CA ARG A 112 -5.95 8.50 -4.77
C ARG A 112 -5.92 9.30 -6.09
N LYS A 113 -4.80 9.21 -6.79
CA LYS A 113 -4.65 9.86 -8.12
C LYS A 113 -5.65 9.37 -9.16
N ALA A 114 -6.08 8.13 -9.06
CA ALA A 114 -7.08 7.56 -9.96
C ALA A 114 -8.47 7.99 -9.61
N GLY A 115 -8.70 8.57 -8.42
CA GLY A 115 -10.08 8.96 -8.05
C GLY A 115 -10.82 8.18 -6.95
N THR A 116 -10.16 7.19 -6.35
CA THR A 116 -10.70 6.47 -5.18
C THR A 116 -10.77 7.47 -4.03
N LYS A 117 -11.95 7.61 -3.44
CA LYS A 117 -12.19 8.52 -2.32
C LYS A 117 -12.23 7.75 -1.00
N ASN A 118 -12.89 6.61 -0.97
CA ASN A 118 -12.97 5.78 0.25
C ASN A 118 -11.75 4.83 0.37
N LEU A 119 -10.67 5.35 0.93
CA LEU A 119 -9.36 4.78 0.76
C LEU A 119 -8.78 4.67 2.17
N LEU A 120 -8.50 3.45 2.60
CA LEU A 120 -7.79 3.23 3.88
C LEU A 120 -6.33 2.80 3.61
N GLU A 121 -5.41 3.70 3.90
CA GLU A 121 -3.98 3.47 3.65
C GLU A 121 -3.34 2.96 4.92
N ILE A 122 -3.39 1.65 5.04
CA ILE A 122 -3.03 1.03 6.30
C ILE A 122 -1.58 1.06 6.65
N HIS A 123 -0.71 1.34 5.69
CA HIS A 123 0.72 1.47 5.93
C HIS A 123 1.25 2.89 5.75
N GLY A 124 0.35 3.87 5.60
CA GLY A 124 0.69 5.26 5.50
C GLY A 124 0.99 5.65 4.05
N SER A 125 1.83 6.66 3.90
CA SER A 125 2.03 7.30 2.60
C SER A 125 3.40 7.86 2.44
N LEU A 126 3.94 7.71 1.21
CA LEU A 126 5.20 8.29 0.79
C LEU A 126 5.19 9.78 0.90
N PHE A 127 4.01 10.34 0.68
CA PHE A 127 3.81 11.81 0.69
C PHE A 127 3.23 12.39 1.97
N LYS A 128 3.46 11.69 3.11
CA LYS A 128 3.25 12.23 4.45
C LYS A 128 4.50 12.11 5.25
N THR A 129 4.73 13.09 6.15
CA THR A 129 5.78 13.04 7.14
C THR A 129 5.17 13.03 8.52
N ARG A 130 5.94 12.52 9.51
CA ARG A 130 5.55 12.61 10.92
C ARG A 130 6.73 13.17 11.72
N CYS A 131 6.50 14.16 12.56
CA CYS A 131 7.58 14.69 13.37
C CYS A 131 7.93 13.73 14.55
N THR A 132 9.17 13.29 14.70
CA THR A 132 9.54 12.41 15.80
C THR A 132 9.60 13.11 17.17
N SER A 133 9.56 14.44 17.19
CA SER A 133 9.43 15.20 18.46
C SER A 133 7.97 15.46 18.78
N CYS A 134 7.27 16.24 17.96
CA CYS A 134 5.87 16.59 18.32
C CYS A 134 4.80 15.65 17.82
N GLY A 135 5.12 14.72 16.94
CA GLY A 135 4.13 13.77 16.43
C GLY A 135 3.18 14.27 15.37
N VAL A 136 3.28 15.52 14.90
CA VAL A 136 2.36 16.03 13.86
C VAL A 136 2.60 15.35 12.51
N VAL A 137 1.52 15.01 11.84
CA VAL A 137 1.55 14.35 10.57
C VAL A 137 1.15 15.40 9.52
N ALA A 138 1.95 15.56 8.46
CA ALA A 138 1.70 16.58 7.42
C ALA A 138 1.83 16.02 6.04
N GLU A 139 0.99 16.47 5.10
CA GLU A 139 1.23 16.21 3.67
C GLU A 139 2.50 16.85 3.21
N ASN A 140 3.28 16.18 2.35
CA ASN A 140 4.51 16.79 1.80
C ASN A 140 4.77 16.17 0.45
N TYR A 141 4.57 16.97 -0.61
CA TYR A 141 4.86 16.62 -1.97
C TYR A 141 6.08 17.37 -2.52
N LYS A 142 6.86 18.02 -1.66
CA LYS A 142 8.01 18.79 -2.14
C LYS A 142 9.08 17.95 -2.84
N SER A 143 9.66 18.51 -3.89
CA SER A 143 10.68 17.82 -4.65
C SER A 143 11.86 18.76 -4.81
N PRO A 144 13.00 18.55 -4.15
CA PRO A 144 13.26 17.49 -3.17
C PRO A 144 12.66 17.83 -1.81
N ILE A 145 12.51 16.86 -0.93
CA ILE A 145 11.87 17.16 0.33
C ILE A 145 12.71 18.13 1.22
N CYS A 146 14.04 18.07 1.10
CA CYS A 146 14.94 19.04 1.70
C CYS A 146 16.16 19.18 0.78
N PRO A 147 16.87 20.34 0.82
CA PRO A 147 17.98 20.57 -0.11
C PRO A 147 19.13 19.58 -0.01
N ALA A 148 19.49 19.10 1.19
CA ALA A 148 20.61 18.14 1.32
C ALA A 148 20.36 16.84 0.54
N LEU A 149 19.10 16.55 0.25
CA LEU A 149 18.75 15.36 -0.53
C LEU A 149 18.70 15.53 -2.03
N SER A 150 18.95 16.75 -2.51
CA SER A 150 18.92 17.04 -3.92
C SER A 150 19.98 16.21 -4.63
N GLY A 151 19.56 15.41 -5.59
CA GLY A 151 20.42 14.54 -6.35
C GLY A 151 20.72 13.22 -5.66
N LYS A 152 20.19 12.96 -4.44
CA LYS A 152 20.63 11.75 -3.70
C LYS A 152 19.65 10.66 -3.95
N GLY A 153 19.84 9.51 -3.32
CA GLY A 153 18.90 8.44 -3.41
C GLY A 153 19.06 7.51 -4.58
N ALA A 154 20.12 7.66 -5.36
CA ALA A 154 20.24 6.78 -6.54
C ALA A 154 20.32 5.30 -6.10
N PRO A 155 19.64 4.43 -6.84
CA PRO A 155 19.46 3.02 -6.53
C PRO A 155 20.61 2.09 -6.87
N GLU A 156 21.59 2.56 -7.64
CA GLU A 156 22.59 1.62 -8.21
C GLU A 156 23.51 1.05 -7.15
N PRO A 157 23.75 -0.27 -7.23
CA PRO A 157 24.82 -0.80 -6.39
C PRO A 157 26.07 0.03 -6.59
N GLY A 158 26.83 0.18 -5.54
CA GLY A 158 28.07 0.90 -5.59
C GLY A 158 27.86 2.28 -5.00
N THR A 159 26.62 2.77 -4.97
CA THR A 159 26.36 4.21 -4.70
C THR A 159 26.71 4.47 -3.23
N GLN A 160 27.45 5.53 -2.98
CA GLN A 160 27.94 5.84 -1.63
C GLN A 160 26.79 6.38 -0.74
N ASP A 161 26.84 6.11 0.57
CA ASP A 161 25.89 6.71 1.52
C ASP A 161 26.07 8.24 1.47
N ALA A 162 24.97 8.99 1.47
CA ALA A 162 25.07 10.47 1.45
C ALA A 162 25.57 10.96 2.77
N SER A 163 25.27 10.21 3.81
CA SER A 163 25.67 10.56 5.13
C SER A 163 25.33 12.01 5.49
N ILE A 164 24.08 12.36 5.32
CA ILE A 164 23.61 13.71 5.67
C ILE A 164 23.44 13.78 7.16
N PRO A 165 24.10 14.76 7.83
CA PRO A 165 23.86 14.89 9.28
C PRO A 165 22.39 15.15 9.61
N VAL A 166 21.95 14.68 10.78
CA VAL A 166 20.53 14.73 11.13
C VAL A 166 19.98 16.17 11.05
N GLU A 167 20.77 17.17 11.45
CA GLU A 167 20.36 18.58 11.31
C GLU A 167 19.91 19.01 9.91
N LYS A 168 20.38 18.33 8.85
CA LYS A 168 20.07 18.70 7.44
C LYS A 168 19.16 17.69 6.74
N LEU A 169 18.72 16.66 7.47
CA LEU A 169 17.52 15.87 7.07
C LEU A 169 16.19 16.65 7.22
N PRO A 170 15.06 16.16 6.69
CA PRO A 170 13.85 16.96 6.80
C PRO A 170 13.46 17.28 8.25
N ARG A 171 13.07 18.53 8.46
CA ARG A 171 12.80 19.08 9.82
C ARG A 171 11.39 19.65 9.89
N CYS A 172 10.79 19.55 11.07
CA CYS A 172 9.43 19.94 11.28
C CYS A 172 9.31 21.46 11.11
N GLU A 173 8.28 21.93 10.45
CA GLU A 173 8.08 23.36 10.28
C GLU A 173 7.04 23.92 11.23
N GLU A 174 6.65 23.19 12.26
CA GLU A 174 5.59 23.67 13.11
C GLU A 174 6.29 24.77 13.92
N ALA A 175 5.58 25.84 14.21
CA ALA A 175 6.21 26.94 14.96
C ALA A 175 6.73 26.42 16.29
N GLY A 176 8.02 26.58 16.55
CA GLY A 176 8.57 26.16 17.87
C GLY A 176 9.05 24.71 18.02
N CYS A 177 9.06 23.92 16.92
CA CYS A 177 9.44 22.53 17.04
C CYS A 177 10.88 22.29 16.50
N GLY A 178 11.07 22.35 15.20
CA GLY A 178 12.38 21.94 14.62
C GLY A 178 12.79 20.48 14.68
N GLY A 179 11.93 19.55 15.11
CA GLY A 179 12.32 18.12 15.30
C GLY A 179 12.66 17.43 13.95
N LEU A 180 13.28 16.27 14.03
CA LEU A 180 13.54 15.43 12.84
C LEU A 180 12.23 14.76 12.36
N LEU A 181 11.91 14.97 11.11
CA LEU A 181 10.84 14.22 10.47
C LEU A 181 11.26 12.80 10.07
N ARG A 182 10.26 11.93 10.02
CA ARG A 182 10.36 10.60 9.39
C ARG A 182 9.26 10.47 8.38
N PRO A 183 9.40 9.54 7.41
CA PRO A 183 8.22 9.23 6.59
C PRO A 183 7.07 8.71 7.46
N HIS A 184 5.82 9.07 7.15
CA HIS A 184 4.66 8.60 7.87
C HIS A 184 4.22 7.30 7.16
N VAL A 185 5.09 6.31 7.36
CA VAL A 185 5.00 4.99 6.73
C VAL A 185 5.16 4.01 7.89
N VAL A 186 4.31 3.00 7.88
CA VAL A 186 4.38 1.96 8.93
C VAL A 186 5.50 0.99 8.63
N TRP A 187 6.43 0.87 9.61
CA TRP A 187 7.60 0.03 9.41
C TRP A 187 7.37 -1.33 10.06
N PHE A 188 8.12 -2.33 9.57
CA PHE A 188 8.12 -3.67 10.18
C PHE A 188 8.45 -3.63 11.63
N GLY A 189 7.57 -4.25 12.44
CA GLY A 189 7.74 -4.25 13.87
C GLY A 189 7.03 -3.14 14.57
N GLU A 190 6.32 -2.25 13.85
CA GLU A 190 5.59 -1.15 14.48
C GLU A 190 4.14 -1.41 14.42
N ASN A 191 3.42 -0.72 15.30
CA ASN A 191 1.94 -0.78 15.27
C ASN A 191 1.29 -0.06 14.10
N LEU A 192 0.30 -0.70 13.45
CA LEU A 192 -0.62 0.00 12.58
C LEU A 192 -1.43 1.02 13.39
N ASP A 193 -1.89 2.07 12.75
CA ASP A 193 -2.69 3.13 13.41
C ASP A 193 -4.01 2.56 14.00
N PRO A 194 -4.24 2.74 15.31
CA PRO A 194 -5.42 2.11 15.92
C PRO A 194 -6.74 2.62 15.34
N ALA A 195 -6.78 3.88 14.93
CA ALA A 195 -8.00 4.45 14.35
C ALA A 195 -8.30 3.84 13.01
N ILE A 196 -7.26 3.72 12.18
CA ILE A 196 -7.43 3.05 10.91
C ILE A 196 -7.85 1.59 11.08
N LEU A 197 -7.23 0.90 12.04
CA LEU A 197 -7.64 -0.50 12.29
C LEU A 197 -9.08 -0.70 12.69
N GLU A 198 -9.59 0.24 13.49
CA GLU A 198 -11.03 0.20 13.82
C GLU A 198 -11.92 0.33 12.60
N GLU A 199 -11.57 1.20 11.64
CA GLU A 199 -12.30 1.34 10.40
C GLU A 199 -12.25 0.09 9.59
N VAL A 200 -11.04 -0.46 9.47
CA VAL A 200 -10.82 -1.65 8.71
C VAL A 200 -11.70 -2.76 9.32
N ASP A 201 -11.66 -2.91 10.66
CA ASP A 201 -12.42 -4.05 11.27
C ASP A 201 -13.92 -3.90 10.99
N ARG A 202 -14.44 -2.66 11.08
CA ARG A 202 -15.83 -2.36 10.82
C ARG A 202 -16.25 -2.62 9.39
N GLU A 203 -15.45 -2.17 8.43
CA GLU A 203 -15.73 -2.41 7.00
C GLU A 203 -15.76 -3.90 6.66
N LEU A 204 -14.76 -4.64 7.15
CA LEU A 204 -14.67 -6.08 6.92
C LEU A 204 -15.82 -6.84 7.55
N ALA A 205 -16.29 -6.39 8.72
CA ALA A 205 -17.45 -7.06 9.33
C ALA A 205 -18.77 -6.80 8.57
N HIS A 206 -18.89 -5.69 7.87
CA HIS A 206 -20.15 -5.37 7.13
C HIS A 206 -20.13 -5.84 5.67
N CYS A 207 -18.99 -6.20 5.13
CA CYS A 207 -18.94 -6.32 3.70
C CYS A 207 -19.56 -7.61 3.22
N ASP A 208 -20.12 -7.55 2.04
CA ASP A 208 -20.82 -8.74 1.48
C ASP A 208 -20.15 -9.30 0.26
N LEU A 209 -19.00 -8.74 -0.07
CA LEU A 209 -18.15 -9.26 -1.16
C LEU A 209 -16.80 -8.63 -0.97
N CYS A 210 -15.75 -9.43 -1.03
CA CYS A 210 -14.42 -8.94 -0.84
C CYS A 210 -13.60 -9.28 -2.06
N LEU A 211 -12.81 -8.34 -2.52
CA LEU A 211 -11.82 -8.59 -3.59
C LEU A 211 -10.45 -8.45 -3.00
N VAL A 212 -9.55 -9.34 -3.42
CA VAL A 212 -8.15 -9.24 -2.99
C VAL A 212 -7.25 -9.14 -4.26
N VAL A 213 -6.58 -7.99 -4.42
CA VAL A 213 -5.91 -7.63 -5.69
C VAL A 213 -4.41 -7.38 -5.55
N GLY A 214 -3.62 -8.16 -6.32
CA GLY A 214 -2.12 -8.03 -6.32
C GLY A 214 -1.44 -8.15 -4.93
N THR A 215 -1.79 -9.16 -4.15
CA THR A 215 -1.23 -9.33 -2.80
C THR A 215 -0.29 -10.57 -2.70
N SER A 216 0.58 -10.76 -3.69
CA SER A 216 1.55 -11.86 -3.60
C SER A 216 2.57 -11.61 -2.46
N SER A 217 3.05 -10.37 -2.27
CA SER A 217 3.91 -10.07 -1.11
C SER A 217 3.07 -10.13 0.20
N VAL A 218 3.35 -11.15 1.02
CA VAL A 218 2.58 -11.41 2.28
C VAL A 218 3.07 -10.53 3.45
N VAL A 219 2.17 -9.74 4.02
CA VAL A 219 2.45 -8.89 5.17
C VAL A 219 1.26 -8.96 6.12
N TYR A 220 1.54 -9.05 7.41
CA TYR A 220 0.48 -9.13 8.43
C TYR A 220 0.33 -7.76 9.08
N PRO A 221 -0.85 -7.41 9.59
CA PRO A 221 -2.07 -8.19 9.49
C PRO A 221 -2.88 -8.23 8.15
N ALA A 222 -2.50 -7.47 7.14
CA ALA A 222 -3.33 -7.30 5.95
C ALA A 222 -3.66 -8.61 5.28
N ALA A 223 -2.73 -9.52 5.31
CA ALA A 223 -2.88 -10.83 4.65
C ALA A 223 -3.93 -11.66 5.35
N MET A 224 -4.34 -11.29 6.54
CA MET A 224 -5.41 -11.93 7.27
C MET A 224 -6.83 -11.42 6.98
N PHE A 225 -6.94 -10.23 6.43
CA PHE A 225 -8.25 -9.53 6.25
C PHE A 225 -9.20 -10.31 5.40
N ALA A 226 -8.77 -10.75 4.25
CA ALA A 226 -9.67 -11.46 3.35
C ALA A 226 -10.00 -12.86 3.87
N PRO A 227 -9.01 -13.61 4.41
CA PRO A 227 -9.41 -14.89 5.09
C PRO A 227 -10.49 -14.71 6.18
N GLN A 228 -10.46 -13.57 6.89
CA GLN A 228 -11.40 -13.34 7.95
C GLN A 228 -12.81 -13.23 7.39
N VAL A 229 -12.95 -12.61 6.24
CA VAL A 229 -14.24 -12.42 5.58
C VAL A 229 -14.79 -13.75 5.00
N ALA A 230 -13.91 -14.48 4.35
CA ALA A 230 -14.23 -15.78 3.76
C ALA A 230 -14.68 -16.73 4.86
N ALA A 231 -14.11 -16.60 6.05
CA ALA A 231 -14.39 -17.54 7.18
C ALA A 231 -15.81 -17.33 7.69
N ARG A 232 -16.42 -16.18 7.40
CA ARG A 232 -17.82 -15.88 7.65
C ARG A 232 -18.72 -16.30 6.53
N GLY A 233 -18.21 -16.94 5.47
CA GLY A 233 -19.09 -17.36 4.39
C GLY A 233 -19.29 -16.35 3.27
N VAL A 234 -18.58 -15.24 3.35
CA VAL A 234 -18.64 -14.19 2.38
C VAL A 234 -17.73 -14.51 1.19
N PRO A 235 -18.25 -14.30 -0.03
CA PRO A 235 -17.37 -14.58 -1.17
C PRO A 235 -16.17 -13.64 -1.31
N VAL A 236 -14.99 -14.20 -1.57
CA VAL A 236 -13.75 -13.48 -1.83
C VAL A 236 -13.23 -13.88 -3.17
N ALA A 237 -12.92 -12.87 -4.00
CA ALA A 237 -12.32 -13.06 -5.34
C ALA A 237 -10.91 -12.49 -5.30
N GLU A 238 -9.95 -13.34 -5.60
CA GLU A 238 -8.54 -12.99 -5.69
C GLU A 238 -8.13 -12.78 -7.15
N PHE A 239 -7.50 -11.64 -7.38
CA PHE A 239 -6.99 -11.25 -8.70
C PHE A 239 -5.50 -11.09 -8.53
N ASN A 240 -4.72 -12.01 -9.06
CA ASN A 240 -3.29 -11.96 -8.82
C ASN A 240 -2.59 -12.67 -10.00
N THR A 241 -1.30 -12.39 -10.19
CA THR A 241 -0.48 -13.07 -11.27
C THR A 241 -0.13 -14.51 -10.92
N GLU A 242 -0.18 -14.88 -9.64
CA GLU A 242 0.08 -16.24 -9.09
C GLU A 242 -0.82 -16.51 -7.91
N THR A 243 -0.80 -17.76 -7.44
CA THR A 243 -1.47 -18.18 -6.21
C THR A 243 -0.66 -17.72 -4.97
N THR A 244 -1.35 -17.60 -3.85
CA THR A 244 -0.77 -17.15 -2.58
C THR A 244 -1.03 -18.23 -1.54
N PRO A 245 -0.39 -18.13 -0.34
CA PRO A 245 -0.67 -19.13 0.72
C PRO A 245 -2.13 -19.14 1.24
N ALA A 246 -2.90 -18.07 1.00
CA ALA A 246 -4.32 -18.04 1.39
C ALA A 246 -5.34 -18.34 0.24
N THR A 247 -4.88 -18.61 -0.98
CA THR A 247 -5.77 -18.75 -2.14
C THR A 247 -6.85 -19.81 -1.97
N ASN A 248 -6.46 -20.94 -1.37
CA ASN A 248 -7.41 -22.06 -1.23
C ASN A 248 -8.54 -21.78 -0.24
N ARG A 249 -8.50 -20.65 0.46
CA ARG A 249 -9.66 -20.26 1.28
C ARG A 249 -10.69 -19.37 0.59
N PHE A 250 -10.42 -18.93 -0.63
CA PHE A 250 -11.30 -17.97 -1.34
C PHE A 250 -12.23 -18.64 -2.35
N ARG A 251 -13.32 -18.00 -2.69
CA ARG A 251 -14.28 -18.54 -3.67
C ARG A 251 -13.83 -18.46 -5.14
N PHE A 252 -13.14 -17.39 -5.50
CA PHE A 252 -12.68 -17.14 -6.86
C PHE A 252 -11.18 -16.84 -6.92
N HIS A 253 -10.53 -17.31 -7.98
CA HIS A 253 -9.15 -16.91 -8.28
C HIS A 253 -9.06 -16.64 -9.78
N PHE A 254 -8.73 -15.40 -10.13
CA PHE A 254 -8.55 -14.95 -11.49
C PHE A 254 -7.07 -14.59 -11.68
N GLN A 255 -6.39 -15.37 -12.51
CA GLN A 255 -4.95 -15.25 -12.70
C GLN A 255 -4.71 -14.26 -13.79
N GLY A 256 -3.74 -13.36 -13.60
CA GLY A 256 -3.35 -12.42 -14.65
C GLY A 256 -3.10 -11.07 -14.05
N PRO A 257 -2.43 -10.19 -14.82
CA PRO A 257 -2.27 -8.80 -14.38
C PRO A 257 -3.63 -8.19 -14.06
N CYS A 258 -3.70 -7.46 -12.96
CA CYS A 258 -4.95 -6.86 -12.50
C CYS A 258 -5.58 -5.95 -13.54
N GLY A 259 -4.72 -5.27 -14.31
CA GLY A 259 -5.09 -4.40 -15.41
C GLY A 259 -5.90 -5.08 -16.51
N THR A 260 -5.68 -6.37 -16.71
CA THR A 260 -6.42 -7.16 -17.69
C THR A 260 -7.74 -7.77 -17.19
N THR A 261 -7.81 -8.15 -15.91
CA THR A 261 -8.94 -8.88 -15.34
C THR A 261 -9.97 -7.98 -14.69
N LEU A 262 -9.49 -6.96 -13.95
CA LEU A 262 -10.39 -6.04 -13.28
C LEU A 262 -11.32 -5.22 -14.11
N PRO A 263 -10.88 -4.69 -15.25
CA PRO A 263 -11.86 -3.90 -16.00
C PRO A 263 -13.10 -4.67 -16.40
N GLU A 264 -12.92 -5.94 -16.74
CA GLU A 264 -14.05 -6.80 -17.08
C GLU A 264 -14.85 -7.13 -15.81
N ALA A 265 -14.15 -7.50 -14.73
CA ALA A 265 -14.84 -7.95 -13.54
C ALA A 265 -15.75 -6.87 -12.94
N LEU A 266 -15.22 -5.65 -12.86
CA LEU A 266 -15.87 -4.55 -12.26
C LEU A 266 -16.69 -3.66 -13.22
N ALA A 267 -16.85 -4.04 -14.49
CA ALA A 267 -17.69 -3.26 -15.44
C ALA A 267 -19.16 -3.02 -14.92
N GLU B 1 -3.03 -3.81 20.45
CA GLU B 1 -2.03 -3.36 19.39
C GLU B 1 -1.80 -4.46 18.37
N LEU B 2 -1.68 -4.05 17.13
CA LEU B 2 -1.47 -4.96 16.04
C LEU B 2 -0.32 -4.48 15.14
N ASN B 3 0.66 -5.32 14.96
CA ASN B 3 1.93 -4.94 14.35
C ASN B 3 2.07 -5.34 12.91
C SLL B 4 4.25 -5.99 11.00
N SLL B 4 2.87 -4.54 12.29
O SLL B 4 5.41 -5.65 11.30
CA SLL B 4 3.16 -4.97 10.88
CB SLL B 4 3.62 -3.77 10.07
CD SLL B 4 4.40 -2.86 7.95
CE SLL B 4 4.58 -3.04 6.43
CG SLL B 4 3.90 -4.14 8.62
CK SLL B 4 5.58 -0.39 3.87
CL SLL B 4 7.09 -0.33 3.67
CP SLL B 4 7.38 0.44 2.38
CX SLL B 4 5.20 -1.73 4.52
OX SLL B 4 5.14 -2.75 3.84
NZ SLL B 4 4.92 -1.77 5.82
OP1 SLL B 4 6.68 0.27 1.31
OP2 SLL B 4 8.29 1.29 2.51
N LEU B 5 4.18 -7.08 10.20
CA LEU B 5 5.07 -8.22 10.32
C LEU B 5 5.08 -8.93 8.98
N LEU B 6 6.31 -9.29 8.58
CA LEU B 6 6.56 -9.96 7.33
C LEU B 6 6.10 -11.37 7.34
N GLY B 7 5.40 -11.78 6.27
CA GLY B 7 4.98 -13.13 6.15
C GLY B 7 6.18 -13.93 5.68
N ARG B 8 6.46 -15.04 6.34
CA ARG B 8 7.63 -15.88 6.01
C ARG B 8 7.25 -17.32 5.62
N VAL B 9 6.19 -17.85 6.21
CA VAL B 9 5.79 -19.25 6.01
C VAL B 9 5.02 -19.27 4.69
N THR B 10 5.44 -20.14 3.78
CA THR B 10 4.94 -20.27 2.39
C THR B 10 5.64 -21.49 1.76
ZN ZN C . 7.42 18.77 15.24
#